data_5IIY
#
_entry.id   5IIY
#
_cell.length_a   174.522
_cell.length_b   46.769
_cell.length_c   64.761
_cell.angle_alpha   90.000
_cell.angle_beta   102.720
_cell.angle_gamma   90.000
#
_symmetry.space_group_name_H-M   'C 1 2 1'
#
loop_
_entity.id
_entity.type
_entity.pdbx_description
1 polymer 'Platelet-binding glycoprotein'
2 branched 'N-acetyl-alpha-neuraminic acid-(2-3)-beta-D-galactopyranose'
3 non-polymer 'CALCIUM ION'
4 non-polymer 'ACETATE ION'
5 water water
#
_entity_poly.entity_id   1
_entity_poly.type   'polypeptide(L)'
_entity_poly.pdbx_seq_one_letter_code
;RRATDTTPPTITVPSDIIAYRGEEFEFYFEITDDSGQVKNIELSTFGKPLGLNWLEYSEDNFNVPGNATSDNPLRVRVHG
TVPLNEPIPADKNRAQFTRTIRAWDAAGNVSSNITFVIKYRAQTDKYNPADPTITYVDRLSSLSPSEKNAVEAAVRAANP
QIPAAARITVSANGTVTITYPDSSTDTITANRVVKDLASS
;
_entity_poly.pdbx_strand_id   A,B
#
# COMPACT_ATOMS: atom_id res chain seq x y z
N ARG A 1 45.82 52.58 20.24
CA ARG A 1 44.81 51.94 19.39
C ARG A 1 45.45 51.40 18.12
N ARG A 2 45.21 50.12 17.87
CA ARG A 2 45.82 49.35 16.79
C ARG A 2 45.51 49.93 15.41
N ALA A 3 46.55 50.23 14.64
CA ALA A 3 46.40 50.91 13.36
C ALA A 3 45.67 50.08 12.32
N THR A 4 45.86 48.77 12.36
CA THR A 4 45.26 47.89 11.36
C THR A 4 44.71 46.60 11.98
N ASP A 5 43.72 46.03 11.30
CA ASP A 5 43.18 44.72 11.65
C ASP A 5 44.13 43.65 11.12
N THR A 6 44.72 42.87 12.02
CA THR A 6 45.65 41.82 11.60
C THR A 6 45.21 40.46 12.15
N THR A 7 44.00 40.42 12.69
CA THR A 7 43.48 39.22 13.34
C THR A 7 42.38 38.58 12.51
N PRO A 8 42.51 37.29 12.19
CA PRO A 8 41.45 36.67 11.37
C PRO A 8 40.20 36.36 12.18
N PRO A 9 39.08 36.05 11.49
CA PRO A 9 37.85 35.65 12.18
C PRO A 9 38.04 34.40 13.03
N THR A 10 37.11 34.21 13.96
CA THR A 10 37.08 33.06 14.86
C THR A 10 35.82 32.25 14.57
N ILE A 11 35.99 30.96 14.27
CA ILE A 11 34.85 30.13 13.92
C ILE A 11 34.55 29.08 14.97
N THR A 12 33.27 28.97 15.34
CA THR A 12 32.81 27.92 16.23
C THR A 12 32.10 26.87 15.39
N VAL A 13 32.51 25.61 15.52
CA VAL A 13 31.89 24.52 14.75
C VAL A 13 30.99 23.65 15.64
N PRO A 14 29.91 23.09 15.06
CA PRO A 14 29.06 22.14 15.79
C PRO A 14 29.84 20.88 16.13
N SER A 15 29.57 20.30 17.28
CA SER A 15 30.40 19.22 17.80
C SER A 15 29.92 17.83 17.39
N ASP A 16 28.65 17.69 17.07
CA ASP A 16 28.08 16.36 16.83
C ASP A 16 27.10 16.40 15.67
N ILE A 17 27.63 16.52 14.47
CA ILE A 17 26.80 16.57 13.26
C ILE A 17 26.45 15.17 12.80
N ILE A 18 25.16 14.82 12.85
CA ILE A 18 24.71 13.50 12.45
C ILE A 18 23.61 13.59 11.40
N ALA A 19 23.83 12.92 10.27
CA ALA A 19 22.89 12.98 9.16
C ALA A 19 22.39 11.59 8.77
N TYR A 20 21.14 11.50 8.33
CA TYR A 20 20.61 10.22 7.87
C TYR A 20 20.35 10.29 6.38
N ARG A 21 20.74 9.23 5.67
CA ARG A 21 20.62 9.17 4.21
C ARG A 21 19.20 9.50 3.77
N GLY A 22 19.08 10.37 2.78
CA GLY A 22 17.79 10.71 2.23
C GLY A 22 16.97 11.68 3.05
N GLU A 23 17.52 12.17 4.16
CA GLU A 23 16.80 13.13 4.99
C GLU A 23 17.56 14.45 5.14
N GLU A 24 16.86 15.54 4.86
CA GLU A 24 17.41 16.88 4.98
C GLU A 24 17.93 17.16 6.40
N PHE A 25 19.14 17.70 6.50
CA PHE A 25 19.68 18.08 7.79
C PHE A 25 20.25 19.48 7.72
N GLU A 26 20.55 20.06 8.87
CA GLU A 26 21.14 21.38 8.91
C GLU A 26 22.00 21.54 10.15
N PHE A 27 23.01 22.40 10.04
CA PHE A 27 23.81 22.77 11.20
C PHE A 27 24.36 24.18 10.98
N TYR A 28 24.83 24.81 12.06
CA TYR A 28 25.25 26.19 11.99
C TYR A 28 26.71 26.36 12.37
N PHE A 29 27.43 27.17 11.61
CA PHE A 29 28.71 27.72 12.06
C PHE A 29 28.44 29.08 12.69
N GLU A 30 29.18 29.41 13.74
CA GLU A 30 29.12 30.75 14.33
C GLU A 30 30.45 31.45 14.16
N ILE A 31 30.44 32.63 13.57
CA ILE A 31 31.68 33.33 13.27
C ILE A 31 31.70 34.77 13.81
N THR A 32 32.81 35.16 14.44
CA THR A 32 33.00 36.52 14.92
C THR A 32 34.34 37.06 14.40
N ASP A 33 34.47 38.39 14.31
CA ASP A 33 35.77 39.00 14.01
C ASP A 33 35.91 40.26 14.83
N ASP A 34 37.14 40.60 15.22
CA ASP A 34 37.37 41.75 16.08
C ASP A 34 36.85 43.05 15.44
N SER A 35 36.78 43.07 14.10
CA SER A 35 36.23 44.18 13.35
C SER A 35 34.69 44.20 13.32
N GLY A 36 34.08 43.07 13.64
CA GLY A 36 32.64 42.95 13.55
C GLY A 36 32.12 42.60 12.16
N GLN A 37 33.01 42.46 11.19
CA GLN A 37 32.58 42.13 9.84
C GLN A 37 33.32 40.93 9.25
N VAL A 38 32.56 39.93 8.81
CA VAL A 38 33.11 38.78 8.09
C VAL A 38 32.69 38.85 6.63
N LYS A 39 33.66 38.67 5.72
CA LYS A 39 33.41 38.82 4.30
C LYS A 39 32.81 37.57 3.64
N ASN A 40 33.40 36.41 3.92
CA ASN A 40 32.93 35.16 3.32
C ASN A 40 33.62 33.96 3.96
N ILE A 41 33.20 32.76 3.57
CA ILE A 41 33.81 31.54 4.06
C ILE A 41 34.25 30.62 2.93
N GLU A 42 34.97 29.56 3.29
CA GLU A 42 35.25 28.47 2.36
C GLU A 42 35.15 27.13 3.06
N LEU A 43 34.31 26.25 2.51
CA LEU A 43 34.29 24.86 2.92
C LEU A 43 35.18 24.07 1.97
N SER A 44 36.08 23.26 2.51
CA SER A 44 37.06 22.55 1.68
C SER A 44 37.41 21.20 2.28
N THR A 45 38.20 20.42 1.54
CA THR A 45 38.83 19.24 2.12
C THR A 45 40.30 19.58 2.36
N PHE A 46 40.58 20.18 3.52
CA PHE A 46 41.91 20.67 3.85
C PHE A 46 42.56 21.43 2.70
N GLY A 47 41.80 22.36 2.13
CA GLY A 47 42.33 23.21 1.08
C GLY A 47 42.03 22.70 -0.32
N LYS A 48 41.57 21.45 -0.40
CA LYS A 48 41.23 20.85 -1.69
C LYS A 48 39.72 20.96 -1.91
N PRO A 49 39.24 20.68 -3.13
CA PRO A 49 37.79 20.71 -3.37
C PRO A 49 36.98 20.00 -2.29
N LEU A 50 35.83 20.56 -1.97
CA LEU A 50 34.95 19.99 -0.97
C LEU A 50 34.48 18.59 -1.37
N GLY A 51 34.10 18.47 -2.64
CA GLY A 51 33.69 17.19 -3.20
C GLY A 51 32.38 16.65 -2.64
N LEU A 52 31.52 17.54 -2.17
CA LEU A 52 30.21 17.15 -1.64
C LEU A 52 29.14 18.06 -2.22
N ASN A 53 28.67 17.75 -3.42
CA ASN A 53 27.79 18.66 -4.15
C ASN A 53 26.41 18.84 -3.51
N TRP A 54 26.07 17.98 -2.56
CA TRP A 54 24.75 18.03 -1.92
C TRP A 54 24.73 18.92 -0.67
N LEU A 55 25.90 19.45 -0.33
CA LEU A 55 26.03 20.34 0.83
C LEU A 55 25.92 21.79 0.36
N GLU A 56 25.09 22.58 1.03
CA GLU A 56 24.91 23.97 0.63
C GLU A 56 24.77 24.91 1.83
N TYR A 57 24.95 26.20 1.59
CA TYR A 57 24.77 27.22 2.63
C TYR A 57 24.42 28.58 2.01
N SER A 58 23.74 29.41 2.79
CA SER A 58 23.36 30.73 2.33
C SER A 58 24.48 31.73 2.53
N GLU A 59 24.60 32.67 1.60
CA GLU A 59 25.55 33.75 1.73
C GLU A 59 24.84 35.02 2.19
N ASP A 60 23.64 34.83 2.75
CA ASP A 60 22.88 35.94 3.29
C ASP A 60 23.66 36.64 4.40
N ASN A 61 23.70 37.97 4.31
CA ASN A 61 24.34 38.81 5.31
C ASN A 61 25.87 38.77 5.26
N PHE A 62 26.45 38.06 4.28
CA PHE A 62 27.91 38.06 4.11
C PHE A 62 28.41 39.45 3.76
N ASN A 63 29.57 39.81 4.31
CA ASN A 63 30.27 41.05 3.98
C ASN A 63 29.44 42.31 4.24
N VAL A 64 28.74 42.31 5.36
CA VAL A 64 27.99 43.47 5.81
C VAL A 64 28.61 43.95 7.13
N PRO A 65 28.85 45.26 7.26
CA PRO A 65 29.38 45.77 8.53
C PRO A 65 28.51 45.31 9.71
N GLY A 66 29.15 44.91 10.81
CA GLY A 66 28.45 44.52 12.01
C GLY A 66 27.79 43.15 11.98
N ASN A 67 28.05 42.38 10.93
CA ASN A 67 27.40 41.06 10.79
C ASN A 67 28.04 39.97 11.64
N ALA A 68 29.12 40.29 12.34
CA ALA A 68 29.88 39.24 13.03
C ALA A 68 30.54 39.72 14.31
N THR A 69 29.72 40.13 15.28
CA THR A 69 30.24 40.57 16.57
C THR A 69 30.09 39.47 17.59
N SER A 70 30.74 39.65 18.74
CA SER A 70 30.62 38.72 19.85
C SER A 70 29.17 38.60 20.34
N ASP A 71 28.48 39.75 20.41
CA ASP A 71 27.09 39.77 20.82
C ASP A 71 26.18 39.18 19.76
N ASN A 72 26.51 39.46 18.50
CA ASN A 72 25.69 38.99 17.39
C ASN A 72 26.56 38.36 16.31
N PRO A 73 26.92 37.08 16.50
CA PRO A 73 27.80 36.36 15.59
C PRO A 73 27.15 36.13 14.22
N LEU A 74 27.96 35.98 13.18
CA LEU A 74 27.45 35.56 11.90
C LEU A 74 27.06 34.10 11.98
N ARG A 75 25.79 33.80 11.74
CA ARG A 75 25.32 32.43 11.86
C ARG A 75 25.08 31.84 10.47
N VAL A 76 25.96 30.92 10.06
CA VAL A 76 25.89 30.35 8.73
C VAL A 76 25.16 29.02 8.75
N ARG A 77 23.99 28.99 8.11
CA ARG A 77 23.20 27.76 8.03
C ARG A 77 23.69 26.87 6.91
N VAL A 78 24.21 25.70 7.26
CA VAL A 78 24.63 24.71 6.27
C VAL A 78 23.60 23.59 6.27
N HIS A 79 23.21 23.13 5.09
CA HIS A 79 22.16 22.13 5.00
C HIS A 79 22.33 21.27 3.74
N GLY A 80 21.54 20.21 3.68
CA GLY A 80 21.54 19.36 2.51
C GLY A 80 20.98 17.99 2.81
N THR A 81 21.15 17.07 1.87
CA THR A 81 20.69 15.72 2.02
C THR A 81 21.76 14.74 1.58
N VAL A 82 22.26 13.93 2.50
CA VAL A 82 23.15 12.84 2.14
C VAL A 82 22.40 11.92 1.18
N PRO A 83 22.99 11.62 0.02
CA PRO A 83 22.31 10.78 -0.98
C PRO A 83 21.81 9.46 -0.42
N LEU A 84 20.63 9.03 -0.88
CA LEU A 84 20.01 7.79 -0.45
C LEU A 84 20.96 6.61 -0.55
N ASN A 85 21.79 6.62 -1.58
CA ASN A 85 22.64 5.50 -1.91
C ASN A 85 24.08 5.66 -1.45
N GLU A 86 24.34 6.66 -0.60
CA GLU A 86 25.69 6.90 -0.10
C GLU A 86 26.19 5.65 0.62
N PRO A 87 27.32 5.09 0.15
CA PRO A 87 27.90 3.85 0.67
C PRO A 87 28.25 3.92 2.15
N ILE A 88 27.79 2.93 2.91
CA ILE A 88 28.21 2.79 4.30
C ILE A 88 29.05 1.53 4.43
N PRO A 89 30.35 1.68 4.69
CA PRO A 89 31.25 0.53 4.78
C PRO A 89 30.94 -0.37 5.99
N ALA A 90 31.61 -1.52 6.04
CA ALA A 90 31.40 -2.49 7.11
C ALA A 90 31.60 -1.87 8.49
N ASP A 91 32.64 -1.07 8.62
CA ASP A 91 32.89 -0.33 9.85
C ASP A 91 32.20 1.04 9.78
N LYS A 92 31.13 1.21 10.54
CA LYS A 92 30.35 2.44 10.53
C LYS A 92 31.11 3.63 11.11
N ASN A 93 32.26 3.35 11.73
CA ASN A 93 33.19 4.41 12.11
C ASN A 93 33.58 5.23 10.90
N ARG A 94 33.56 4.58 9.73
CA ARG A 94 34.07 5.19 8.53
C ARG A 94 33.01 5.96 7.75
N ALA A 95 31.76 5.93 8.21
CA ALA A 95 30.69 6.62 7.52
C ALA A 95 30.64 8.09 7.92
N GLN A 96 31.67 8.84 7.52
CA GLN A 96 31.73 10.25 7.84
C GLN A 96 32.60 11.01 6.86
N PHE A 97 32.39 12.32 6.81
CA PHE A 97 33.23 13.19 6.01
C PHE A 97 33.91 14.21 6.93
N THR A 98 35.23 14.21 6.96
CA THR A 98 35.96 15.25 7.68
C THR A 98 36.31 16.35 6.69
N ARG A 99 35.84 17.56 6.98
CA ARG A 99 36.09 18.69 6.10
C ARG A 99 36.59 19.88 6.91
N THR A 100 36.95 20.97 6.23
CA THR A 100 37.50 22.13 6.92
C THR A 100 36.77 23.42 6.53
N ILE A 101 36.74 24.37 7.46
CA ILE A 101 36.17 25.68 7.18
C ILE A 101 37.16 26.78 7.57
N ARG A 102 37.14 27.89 6.82
CA ARG A 102 37.86 29.10 7.19
C ARG A 102 37.04 30.31 6.75
N ALA A 103 37.38 31.47 7.27
CA ALA A 103 36.65 32.70 6.95
C ALA A 103 37.60 33.88 6.80
N TRP A 104 37.21 34.81 5.93
CA TRP A 104 37.90 36.08 5.72
C TRP A 104 37.18 37.21 6.46
N ASP A 105 37.94 38.17 7.00
CA ASP A 105 37.30 39.41 7.39
C ASP A 105 37.39 40.38 6.21
N ALA A 106 37.08 41.65 6.43
CA ALA A 106 37.10 42.61 5.34
C ALA A 106 38.45 43.28 5.16
N ALA A 107 39.44 42.82 5.93
CA ALA A 107 40.78 43.41 5.88
C ALA A 107 41.82 42.45 5.28
N GLY A 108 41.35 41.34 4.72
CA GLY A 108 42.24 40.40 4.07
C GLY A 108 42.77 39.28 4.96
N ASN A 109 42.38 39.27 6.23
CA ASN A 109 42.79 38.20 7.13
C ASN A 109 41.90 36.99 7.00
N VAL A 110 42.51 35.84 6.73
CA VAL A 110 41.77 34.58 6.62
C VAL A 110 42.19 33.65 7.77
N SER A 111 41.21 33.00 8.37
CA SER A 111 41.50 32.08 9.47
C SER A 111 42.17 30.82 8.95
N SER A 112 42.85 30.12 9.84
CA SER A 112 43.44 28.82 9.52
C SER A 112 42.35 27.77 9.54
N ASN A 113 42.33 26.90 8.53
CA ASN A 113 41.32 25.86 8.43
C ASN A 113 41.14 25.09 9.74
N ILE A 114 39.91 24.96 10.20
CA ILE A 114 39.62 24.07 11.32
C ILE A 114 38.62 23.01 10.84
N THR A 115 38.60 21.87 11.51
CA THR A 115 37.84 20.74 11.03
C THR A 115 36.42 20.68 11.56
N PHE A 116 35.53 20.11 10.75
CA PHE A 116 34.23 19.65 11.23
C PHE A 116 33.97 18.30 10.60
N VAL A 117 33.10 17.51 11.22
CA VAL A 117 32.87 16.16 10.75
C VAL A 117 31.39 15.90 10.53
N ILE A 118 31.04 15.48 9.32
CA ILE A 118 29.67 15.08 9.03
C ILE A 118 29.56 13.57 9.08
N LYS A 119 28.92 13.06 10.13
CA LYS A 119 28.66 11.63 10.22
C LYS A 119 27.34 11.32 9.54
N TYR A 120 27.30 10.26 8.76
CA TYR A 120 26.04 9.87 8.14
C TYR A 120 25.72 8.42 8.42
N ARG A 121 24.44 8.11 8.54
CA ARG A 121 24.00 6.78 8.95
C ARG A 121 22.81 6.32 8.12
N ALA A 122 22.57 5.01 8.12
CA ALA A 122 21.40 4.44 7.47
C ALA A 122 20.14 4.85 8.21
N GLN A 123 19.03 4.97 7.47
CA GLN A 123 17.79 5.44 8.05
C GLN A 123 17.27 4.56 9.19
N THR A 124 17.61 3.27 9.20
CA THR A 124 17.07 2.44 10.27
C THR A 124 17.74 2.76 11.59
N ASP A 125 18.84 3.52 11.55
CA ASP A 125 19.48 3.95 12.79
C ASP A 125 18.64 5.01 13.48
N LYS A 126 17.90 5.79 12.71
CA LYS A 126 17.03 6.82 13.26
C LYS A 126 15.70 6.27 13.75
N TYR A 127 15.22 5.22 13.08
CA TYR A 127 13.87 4.74 13.35
C TYR A 127 13.84 3.42 14.12
N ASN A 128 12.97 3.39 15.12
CA ASN A 128 12.76 2.22 15.95
C ASN A 128 11.27 1.91 16.02
N PRO A 129 10.82 0.93 15.22
CA PRO A 129 9.39 0.67 15.06
C PRO A 129 8.72 0.09 16.30
N ALA A 130 7.57 0.66 16.67
CA ALA A 130 6.70 0.09 17.70
C ALA A 130 5.97 -1.13 17.16
N ASP A 131 5.70 -2.09 18.03
CA ASP A 131 4.93 -3.27 17.65
C ASP A 131 3.52 -2.88 17.26
N PRO A 132 2.94 -3.55 16.26
CA PRO A 132 1.56 -3.24 15.90
C PRO A 132 0.59 -3.84 16.90
N THR A 133 -0.66 -3.39 16.89
CA THR A 133 -1.72 -4.15 17.51
C THR A 133 -1.74 -5.50 16.82
N ILE A 134 -2.00 -6.55 17.58
CA ILE A 134 -2.00 -7.90 17.03
C ILE A 134 -3.09 -8.09 15.98
N THR A 135 -2.74 -8.69 14.85
CA THR A 135 -3.72 -9.07 13.85
C THR A 135 -4.05 -10.54 14.01
N TYR A 136 -5.33 -10.84 14.17
CA TYR A 136 -5.78 -12.22 14.35
C TYR A 136 -6.09 -12.86 13.02
N VAL A 137 -5.47 -14.01 12.77
CA VAL A 137 -5.52 -14.67 11.48
C VAL A 137 -6.02 -16.10 11.58
N ASP A 138 -6.51 -16.64 10.46
CA ASP A 138 -7.00 -18.02 10.41
C ASP A 138 -5.86 -19.04 10.42
N ARG A 139 -4.82 -18.78 9.64
CA ARG A 139 -3.67 -19.69 9.53
C ARG A 139 -2.35 -18.95 9.75
N LEU A 140 -1.67 -19.24 10.84
CA LEU A 140 -0.42 -18.58 11.18
C LEU A 140 0.67 -18.72 10.11
N SER A 141 0.61 -19.82 9.36
CA SER A 141 1.65 -20.10 8.37
C SER A 141 1.26 -19.63 6.97
N SER A 142 0.07 -19.06 6.84
CA SER A 142 -0.45 -18.68 5.52
C SER A 142 -1.48 -17.56 5.64
N LEU A 143 -1.01 -16.33 5.79
CA LEU A 143 -1.92 -15.19 5.88
C LEU A 143 -2.66 -14.96 4.56
N SER A 144 -3.91 -14.51 4.68
CA SER A 144 -4.71 -14.12 3.52
C SER A 144 -4.29 -12.74 3.03
N PRO A 145 -4.74 -12.34 1.83
CA PRO A 145 -4.46 -10.97 1.39
C PRO A 145 -5.00 -9.91 2.34
N SER A 146 -6.23 -10.08 2.82
CA SER A 146 -6.81 -9.10 3.74
C SER A 146 -6.05 -9.05 5.05
N GLU A 147 -5.47 -10.17 5.45
CA GLU A 147 -4.73 -10.24 6.70
C GLU A 147 -3.40 -9.52 6.56
N LYS A 148 -2.78 -9.63 5.39
CA LYS A 148 -1.54 -8.92 5.12
C LYS A 148 -1.78 -7.41 5.02
N ASN A 149 -2.87 -7.02 4.36
CA ASN A 149 -3.31 -5.63 4.36
C ASN A 149 -3.49 -5.09 5.78
N ALA A 150 -4.14 -5.88 6.62
CA ALA A 150 -4.42 -5.48 8.00
C ALA A 150 -3.12 -5.32 8.78
N VAL A 151 -2.24 -6.31 8.67
CA VAL A 151 -0.93 -6.23 9.32
C VAL A 151 -0.18 -4.97 8.90
N GLU A 152 -0.10 -4.71 7.60
CA GLU A 152 0.58 -3.52 7.09
C GLU A 152 -0.03 -2.25 7.70
N ALA A 153 -1.36 -2.17 7.70
CA ALA A 153 -2.06 -1.01 8.27
C ALA A 153 -1.78 -0.85 9.76
N ALA A 154 -1.68 -1.97 10.46
CA ALA A 154 -1.42 -1.95 11.90
C ALA A 154 -0.02 -1.45 12.20
N VAL A 155 0.96 -1.96 11.46
CA VAL A 155 2.34 -1.52 11.61
C VAL A 155 2.46 -0.03 11.28
N ARG A 156 1.78 0.38 10.22
CA ARG A 156 1.75 1.77 9.81
C ARG A 156 1.10 2.65 10.88
N ALA A 157 -0.02 2.20 11.43
CA ALA A 157 -0.75 2.97 12.44
C ALA A 157 0.03 3.11 13.74
N ALA A 158 0.81 2.08 14.07
CA ALA A 158 1.59 2.09 15.30
C ALA A 158 2.83 2.96 15.16
N ASN A 159 3.14 3.36 13.93
CA ASN A 159 4.37 4.11 13.67
C ASN A 159 4.23 5.30 12.73
N PRO A 160 3.52 6.35 13.17
CA PRO A 160 3.39 7.54 12.32
C PRO A 160 4.69 8.31 12.18
N GLN A 161 5.66 8.05 13.05
CA GLN A 161 6.92 8.78 13.01
C GLN A 161 7.85 8.26 11.93
N ILE A 162 7.48 7.12 11.35
CA ILE A 162 8.26 6.48 10.29
C ILE A 162 7.92 7.14 8.96
N PRO A 163 8.89 7.22 8.04
CA PRO A 163 8.66 7.85 6.73
C PRO A 163 7.50 7.23 5.97
N ALA A 164 6.73 8.05 5.28
CA ALA A 164 5.62 7.54 4.49
C ALA A 164 6.14 6.81 3.26
N ALA A 165 7.34 7.18 2.83
CA ALA A 165 7.97 6.55 1.66
C ALA A 165 8.68 5.26 2.03
N ALA A 166 8.67 4.90 3.32
CA ALA A 166 9.13 3.58 3.71
C ALA A 166 8.08 2.58 3.25
N ARG A 167 8.51 1.41 2.78
CA ARG A 167 7.59 0.39 2.32
C ARG A 167 7.53 -0.76 3.32
N ILE A 168 6.30 -1.10 3.74
CA ILE A 168 6.07 -2.18 4.68
C ILE A 168 5.59 -3.41 3.94
N THR A 169 6.34 -4.50 4.03
CA THR A 169 5.95 -5.75 3.41
C THR A 169 5.66 -6.81 4.47
N VAL A 170 4.85 -7.79 4.10
CA VAL A 170 4.39 -8.83 5.02
C VAL A 170 4.53 -10.21 4.37
N SER A 171 5.24 -11.11 5.04
CA SER A 171 5.46 -12.46 4.51
C SER A 171 4.26 -13.36 4.77
N ALA A 172 4.33 -14.58 4.26
CA ALA A 172 3.29 -15.58 4.44
C ALA A 172 2.96 -15.86 5.91
N ASN A 173 3.96 -15.76 6.78
CA ASN A 173 3.73 -16.09 8.18
C ASN A 173 3.64 -14.86 9.06
N GLY A 174 3.43 -13.69 8.45
CA GLY A 174 3.20 -12.47 9.21
C GLY A 174 4.46 -11.73 9.63
N THR A 175 5.61 -12.20 9.17
CA THR A 175 6.87 -11.49 9.43
C THR A 175 6.86 -10.16 8.68
N VAL A 176 7.16 -9.07 9.39
CA VAL A 176 7.09 -7.72 8.82
C VAL A 176 8.48 -7.18 8.50
N THR A 177 8.63 -6.69 7.28
CA THR A 177 9.82 -5.96 6.88
C THR A 177 9.46 -4.50 6.63
N ILE A 178 10.17 -3.59 7.28
CA ILE A 178 10.06 -2.17 6.98
C ILE A 178 11.30 -1.74 6.21
N THR A 179 11.12 -1.43 4.93
CA THR A 179 12.25 -0.98 4.12
C THR A 179 12.22 0.53 3.96
N TYR A 180 13.16 1.22 4.60
CA TYR A 180 13.21 2.67 4.55
C TYR A 180 13.65 3.15 3.16
N PRO A 181 13.42 4.44 2.85
CA PRO A 181 13.75 4.91 1.49
C PRO A 181 15.19 4.65 1.06
N ASP A 182 16.14 4.53 2.00
CA ASP A 182 17.53 4.25 1.64
C ASP A 182 17.82 2.76 1.58
N SER A 183 16.75 1.95 1.62
CA SER A 183 16.80 0.49 1.53
C SER A 183 17.38 -0.22 2.75
N SER A 184 17.70 0.52 3.81
CA SER A 184 18.02 -0.11 5.10
C SER A 184 16.70 -0.59 5.69
N THR A 185 16.75 -1.51 6.65
CA THR A 185 15.51 -2.14 7.10
C THR A 185 15.35 -2.30 8.62
N ASP A 186 14.12 -2.60 9.02
CA ASP A 186 13.80 -3.09 10.35
C ASP A 186 12.88 -4.29 10.16
N THR A 187 12.98 -5.27 11.04
CA THR A 187 12.16 -6.47 10.96
C THR A 187 11.32 -6.61 12.23
N ILE A 188 10.07 -7.05 12.09
CA ILE A 188 9.27 -7.39 13.25
C ILE A 188 8.89 -8.87 13.15
N THR A 189 9.26 -9.66 14.15
CA THR A 189 9.03 -11.10 14.11
C THR A 189 7.53 -11.39 14.20
N ALA A 190 7.13 -12.48 13.56
CA ALA A 190 5.70 -12.79 13.41
C ALA A 190 4.97 -12.90 14.74
N ASN A 191 5.65 -13.43 15.76
CA ASN A 191 5.03 -13.61 17.07
C ASN A 191 4.67 -12.30 17.76
N ARG A 192 5.17 -11.18 17.24
CA ARG A 192 4.83 -9.87 17.78
C ARG A 192 3.82 -9.17 16.88
N VAL A 193 3.34 -9.89 15.87
CA VAL A 193 2.52 -9.28 14.84
C VAL A 193 1.18 -9.99 14.68
N VAL A 194 1.21 -11.32 14.63
CA VAL A 194 -0.02 -12.07 14.43
C VAL A 194 -0.26 -13.14 15.50
N LYS A 195 -1.53 -13.46 15.71
CA LYS A 195 -1.94 -14.54 16.58
C LYS A 195 -3.05 -15.32 15.91
N ASP A 196 -3.15 -16.60 16.21
CA ASP A 196 -4.22 -17.45 15.67
C ASP A 196 -5.57 -16.99 16.21
N LEU A 197 -6.54 -16.81 15.32
CA LEU A 197 -7.86 -16.31 15.71
C LEU A 197 -8.61 -17.29 16.60
N ALA A 198 -8.64 -18.55 16.21
CA ALA A 198 -9.39 -19.56 16.95
C ALA A 198 -8.86 -19.77 18.38
N SER A 199 -7.54 -19.79 18.51
CA SER A 199 -6.92 -20.01 19.82
C SER A 199 -7.15 -18.85 20.78
N SER A 200 -7.40 -17.66 20.22
CA SER A 200 -7.48 -16.45 21.04
C SER A 200 -8.90 -16.14 21.50
N THR B 4 -62.04 -25.73 -14.05
CA THR B 4 -61.11 -26.52 -13.23
C THR B 4 -59.68 -26.41 -13.74
N ASP B 5 -58.79 -25.95 -12.88
CA ASP B 5 -57.37 -25.79 -13.20
C ASP B 5 -56.66 -27.15 -13.24
N THR B 6 -56.11 -27.49 -14.40
CA THR B 6 -55.44 -28.78 -14.57
C THR B 6 -54.05 -28.59 -15.18
N THR B 7 -53.58 -27.35 -15.17
CA THR B 7 -52.34 -26.98 -15.86
C THR B 7 -51.32 -26.39 -14.88
N PRO B 8 -50.09 -26.95 -14.83
CA PRO B 8 -49.09 -26.47 -13.87
C PRO B 8 -48.56 -25.07 -14.19
N PRO B 9 -47.93 -24.41 -13.21
CA PRO B 9 -47.30 -23.12 -13.50
C PRO B 9 -46.14 -23.29 -14.48
N THR B 10 -45.73 -22.20 -15.11
CA THR B 10 -44.56 -22.21 -15.97
C THR B 10 -43.50 -21.28 -15.39
N ILE B 11 -42.23 -21.66 -15.59
CA ILE B 11 -41.11 -21.02 -14.92
C ILE B 11 -40.06 -20.52 -15.90
N THR B 12 -39.67 -19.26 -15.76
CA THR B 12 -38.56 -18.72 -16.55
C THR B 12 -37.33 -18.60 -15.64
N VAL B 13 -36.20 -19.15 -16.07
CA VAL B 13 -34.97 -19.04 -15.30
C VAL B 13 -33.98 -18.14 -16.03
N PRO B 14 -33.08 -17.49 -15.28
CA PRO B 14 -32.05 -16.69 -15.95
C PRO B 14 -31.12 -17.57 -16.77
N SER B 15 -30.65 -17.08 -17.91
CA SER B 15 -29.80 -17.88 -18.79
C SER B 15 -28.33 -17.83 -18.41
N ASP B 16 -27.93 -16.78 -17.72
CA ASP B 16 -26.53 -16.60 -17.37
C ASP B 16 -26.35 -16.22 -15.91
N ILE B 17 -26.49 -17.22 -15.05
CA ILE B 17 -26.21 -17.04 -13.64
C ILE B 17 -24.73 -17.28 -13.41
N ILE B 18 -23.99 -16.19 -13.18
CA ILE B 18 -22.54 -16.30 -13.01
C ILE B 18 -22.12 -15.69 -11.68
N ALA B 19 -21.60 -16.52 -10.79
CA ALA B 19 -21.21 -16.08 -9.45
C ALA B 19 -19.70 -16.13 -9.28
N TYR B 20 -19.15 -15.21 -8.50
CA TYR B 20 -17.72 -15.20 -8.23
C TYR B 20 -17.47 -15.55 -6.77
N ARG B 21 -16.47 -16.40 -6.53
CA ARG B 21 -16.19 -16.91 -5.18
C ARG B 21 -16.09 -15.79 -4.15
N GLY B 22 -16.82 -15.94 -3.05
CA GLY B 22 -16.74 -15.00 -1.95
C GLY B 22 -17.54 -13.72 -2.14
N GLU B 23 -18.23 -13.60 -3.26
CA GLU B 23 -19.01 -12.40 -3.54
C GLU B 23 -20.49 -12.72 -3.73
N GLU B 24 -21.35 -11.99 -3.02
CA GLU B 24 -22.79 -12.25 -3.06
C GLU B 24 -23.36 -12.04 -4.46
N PHE B 25 -24.16 -13.01 -4.91
CA PHE B 25 -24.87 -12.91 -6.17
C PHE B 25 -26.35 -12.82 -5.91
N GLU B 26 -27.11 -12.40 -6.91
CA GLU B 26 -28.56 -12.52 -6.84
C GLU B 26 -29.12 -12.77 -8.23
N PHE B 27 -30.23 -13.49 -8.27
CA PHE B 27 -30.98 -13.66 -9.51
C PHE B 27 -32.44 -13.93 -9.18
N TYR B 28 -33.28 -13.88 -10.21
CA TYR B 28 -34.71 -14.06 -10.03
C TYR B 28 -35.26 -15.20 -10.87
N PHE B 29 -36.16 -15.98 -10.29
CA PHE B 29 -37.05 -16.84 -11.05
C PHE B 29 -38.33 -16.06 -11.33
N GLU B 30 -38.90 -16.22 -12.52
CA GLU B 30 -40.24 -15.67 -12.79
C GLU B 30 -41.23 -16.79 -13.05
N ILE B 31 -42.31 -16.80 -12.26
CA ILE B 31 -43.28 -17.88 -12.34
C ILE B 31 -44.68 -17.35 -12.64
N THR B 32 -45.40 -18.08 -13.48
CA THR B 32 -46.73 -17.72 -13.94
C THR B 32 -47.64 -18.94 -13.89
N ASP B 33 -48.91 -18.74 -13.52
CA ASP B 33 -49.88 -19.81 -13.69
C ASP B 33 -51.15 -19.25 -14.32
N ASP B 34 -51.90 -20.11 -15.00
CA ASP B 34 -53.11 -19.65 -15.70
C ASP B 34 -54.16 -19.14 -14.70
N SER B 35 -54.11 -19.67 -13.48
CA SER B 35 -55.03 -19.26 -12.42
C SER B 35 -54.69 -17.87 -11.89
N GLY B 36 -53.46 -17.42 -12.17
CA GLY B 36 -52.96 -16.19 -11.60
C GLY B 36 -52.36 -16.36 -10.21
N GLN B 37 -52.35 -17.59 -9.68
CA GLN B 37 -51.79 -17.81 -8.34
C GLN B 37 -50.83 -19.00 -8.29
N VAL B 38 -49.63 -18.74 -7.76
CA VAL B 38 -48.65 -19.78 -7.50
C VAL B 38 -48.52 -20.00 -6.00
N LYS B 39 -48.58 -21.26 -5.57
CA LYS B 39 -48.61 -21.59 -4.16
C LYS B 39 -47.21 -21.63 -3.51
N ASN B 40 -46.30 -22.36 -4.13
CA ASN B 40 -44.97 -22.55 -3.56
C ASN B 40 -44.01 -23.07 -4.64
N ILE B 41 -42.71 -23.02 -4.37
CA ILE B 41 -41.71 -23.62 -5.25
C ILE B 41 -40.82 -24.57 -4.46
N GLU B 42 -39.99 -25.31 -5.17
CA GLU B 42 -39.00 -26.17 -4.54
C GLU B 42 -37.72 -26.18 -5.38
N LEU B 43 -36.59 -25.91 -4.75
CA LEU B 43 -35.30 -26.06 -5.42
C LEU B 43 -34.68 -27.39 -5.01
N SER B 44 -34.16 -28.13 -5.98
CA SER B 44 -33.62 -29.46 -5.73
C SER B 44 -32.47 -29.80 -6.67
N THR B 45 -31.87 -30.96 -6.45
CA THR B 45 -30.97 -31.55 -7.43
C THR B 45 -31.73 -32.66 -8.12
N PHE B 46 -32.50 -32.26 -9.14
CA PHE B 46 -33.36 -33.18 -9.88
C PHE B 46 -34.23 -34.00 -8.95
N GLY B 47 -34.80 -33.33 -7.95
CA GLY B 47 -35.71 -33.95 -7.01
C GLY B 47 -35.06 -34.35 -5.69
N LYS B 48 -33.74 -34.46 -5.71
CA LYS B 48 -32.97 -34.81 -4.52
C LYS B 48 -32.59 -33.53 -3.77
N PRO B 49 -32.06 -33.64 -2.53
CA PRO B 49 -31.70 -32.44 -1.77
C PRO B 49 -30.81 -31.47 -2.56
N LEU B 50 -31.06 -30.18 -2.37
CA LEU B 50 -30.37 -29.13 -3.09
C LEU B 50 -28.86 -29.13 -2.81
N GLY B 51 -28.49 -29.34 -1.56
CA GLY B 51 -27.08 -29.43 -1.19
C GLY B 51 -26.27 -28.17 -1.45
N LEU B 52 -26.93 -27.01 -1.37
CA LEU B 52 -26.23 -25.73 -1.48
C LEU B 52 -26.66 -24.84 -0.32
N ASN B 53 -26.11 -25.06 0.87
CA ASN B 53 -26.61 -24.36 2.05
C ASN B 53 -26.32 -22.85 2.02
N TRP B 54 -25.43 -22.43 1.12
CA TRP B 54 -25.12 -21.01 1.01
C TRP B 54 -26.11 -20.28 0.09
N LEU B 55 -27.08 -21.00 -0.45
CA LEU B 55 -28.09 -20.39 -1.30
C LEU B 55 -29.40 -20.18 -0.53
N GLU B 56 -30.02 -19.03 -0.73
CA GLU B 56 -31.28 -18.70 -0.06
C GLU B 56 -32.24 -18.03 -1.05
N TYR B 57 -33.54 -18.20 -0.83
CA TYR B 57 -34.52 -17.46 -1.63
C TYR B 57 -35.69 -16.97 -0.78
N SER B 58 -36.29 -15.86 -1.23
CA SER B 58 -37.39 -15.21 -0.53
C SER B 58 -38.72 -15.87 -0.82
N GLU B 59 -39.55 -16.03 0.21
CA GLU B 59 -40.88 -16.58 -0.02
C GLU B 59 -41.96 -15.51 0.14
N ASP B 60 -41.58 -14.25 -0.06
CA ASP B 60 -42.52 -13.14 -0.06
C ASP B 60 -43.63 -13.36 -1.09
N ASN B 61 -44.87 -13.12 -0.67
CA ASN B 61 -46.05 -13.14 -1.53
C ASN B 61 -46.41 -14.51 -2.11
N PHE B 62 -45.87 -15.58 -1.51
CA PHE B 62 -46.27 -16.92 -1.92
C PHE B 62 -47.72 -17.23 -1.58
N ASN B 63 -48.39 -17.97 -2.46
CA ASN B 63 -49.73 -18.50 -2.22
C ASN B 63 -50.78 -17.42 -1.94
N VAL B 64 -50.79 -16.40 -2.78
CA VAL B 64 -51.76 -15.32 -2.68
C VAL B 64 -52.42 -15.16 -4.05
N PRO B 65 -53.74 -14.93 -4.09
CA PRO B 65 -54.41 -14.72 -5.37
C PRO B 65 -53.78 -13.58 -6.17
N GLY B 66 -53.62 -13.79 -7.47
CA GLY B 66 -53.06 -12.78 -8.34
C GLY B 66 -51.57 -12.52 -8.19
N ASN B 67 -50.84 -13.42 -7.55
CA ASN B 67 -49.41 -13.16 -7.35
C ASN B 67 -48.54 -13.59 -8.53
N ALA B 68 -49.17 -14.18 -9.54
CA ALA B 68 -48.40 -14.76 -10.64
C ALA B 68 -49.17 -14.75 -11.95
N THR B 69 -49.51 -13.55 -12.43
CA THR B 69 -50.24 -13.43 -13.68
C THR B 69 -49.28 -13.24 -14.84
N SER B 70 -49.81 -13.33 -16.06
CA SER B 70 -49.02 -13.08 -17.26
C SER B 70 -48.37 -11.71 -17.20
N ASP B 71 -49.12 -10.70 -16.76
CA ASP B 71 -48.63 -9.32 -16.69
C ASP B 71 -47.68 -9.12 -15.52
N ASN B 72 -48.03 -9.70 -14.38
CA ASN B 72 -47.22 -9.56 -13.17
C ASN B 72 -46.89 -10.91 -12.57
N PRO B 73 -45.80 -11.53 -13.04
CA PRO B 73 -45.43 -12.87 -12.57
C PRO B 73 -44.87 -12.83 -11.15
N LEU B 74 -44.84 -13.98 -10.49
CA LEU B 74 -44.18 -14.09 -9.18
C LEU B 74 -42.67 -14.01 -9.39
N ARG B 75 -42.03 -13.00 -8.82
CA ARG B 75 -40.60 -12.83 -9.01
C ARG B 75 -39.83 -13.23 -7.75
N VAL B 76 -39.25 -14.43 -7.78
CA VAL B 76 -38.59 -14.99 -6.61
C VAL B 76 -37.11 -14.63 -6.58
N ARG B 77 -36.73 -13.82 -5.58
CA ARG B 77 -35.35 -13.40 -5.43
C ARG B 77 -34.53 -14.50 -4.77
N VAL B 78 -33.46 -14.89 -5.44
CA VAL B 78 -32.51 -15.89 -4.94
C VAL B 78 -31.18 -15.20 -4.71
N HIS B 79 -30.51 -15.49 -3.62
CA HIS B 79 -29.19 -14.91 -3.40
C HIS B 79 -28.31 -15.86 -2.61
N GLY B 80 -27.02 -15.57 -2.59
CA GLY B 80 -26.07 -16.40 -1.87
C GLY B 80 -24.65 -16.01 -2.18
N THR B 81 -23.71 -16.76 -1.61
CA THR B 81 -22.30 -16.53 -1.82
C THR B 81 -21.60 -17.88 -2.00
N VAL B 82 -21.03 -18.11 -3.18
CA VAL B 82 -20.23 -19.30 -3.41
C VAL B 82 -19.01 -19.20 -2.51
N PRO B 83 -18.67 -20.28 -1.78
CA PRO B 83 -17.54 -20.26 -0.86
C PRO B 83 -16.24 -19.76 -1.48
N LEU B 84 -15.49 -18.99 -0.71
CA LEU B 84 -14.24 -18.41 -1.17
C LEU B 84 -13.28 -19.48 -1.69
N ASN B 85 -13.28 -20.64 -1.04
CA ASN B 85 -12.35 -21.71 -1.41
C ASN B 85 -12.97 -22.84 -2.24
N GLU B 86 -14.11 -22.57 -2.88
CA GLU B 86 -14.73 -23.55 -3.75
C GLU B 86 -13.77 -23.91 -4.87
N PRO B 87 -13.42 -25.20 -4.99
CA PRO B 87 -12.47 -25.68 -5.99
C PRO B 87 -12.95 -25.44 -7.41
N ILE B 88 -12.05 -25.00 -8.28
CA ILE B 88 -12.40 -24.76 -9.68
C ILE B 88 -11.76 -25.80 -10.58
N PRO B 89 -12.57 -26.68 -11.17
CA PRO B 89 -12.08 -27.72 -12.09
C PRO B 89 -11.29 -27.13 -13.25
N ALA B 90 -10.28 -27.85 -13.73
CA ALA B 90 -9.48 -27.41 -14.86
C ALA B 90 -10.37 -27.16 -16.07
N ASP B 91 -11.39 -27.99 -16.22
CA ASP B 91 -12.41 -27.82 -17.26
C ASP B 91 -13.53 -26.92 -16.73
N LYS B 92 -13.69 -25.74 -17.33
CA LYS B 92 -14.62 -24.74 -16.80
C LYS B 92 -16.09 -25.11 -17.01
N ASN B 93 -16.36 -26.03 -17.93
CA ASN B 93 -17.73 -26.51 -18.14
C ASN B 93 -18.25 -27.27 -16.93
N ARG B 94 -17.35 -27.64 -16.04
CA ARG B 94 -17.73 -28.36 -14.83
C ARG B 94 -17.68 -27.45 -13.61
N ALA B 95 -17.27 -26.20 -13.81
CA ALA B 95 -17.27 -25.22 -12.73
C ALA B 95 -18.67 -24.61 -12.58
N GLN B 96 -19.62 -25.44 -12.18
CA GLN B 96 -21.00 -25.01 -12.08
C GLN B 96 -21.84 -25.97 -11.26
N PHE B 97 -22.98 -25.50 -10.79
CA PHE B 97 -23.96 -26.36 -10.15
C PHE B 97 -25.22 -26.41 -11.01
N THR B 98 -25.57 -27.61 -11.45
CA THR B 98 -26.78 -27.81 -12.24
C THR B 98 -27.86 -28.28 -11.28
N ARG B 99 -28.95 -27.51 -11.20
CA ARG B 99 -30.02 -27.79 -10.25
C ARG B 99 -31.37 -27.64 -10.94
N THR B 100 -32.45 -27.93 -10.23
CA THR B 100 -33.79 -27.84 -10.83
C THR B 100 -34.76 -27.12 -9.92
N ILE B 101 -35.77 -26.49 -10.52
CA ILE B 101 -36.85 -25.87 -9.77
C ILE B 101 -38.20 -26.40 -10.27
N ARG B 102 -39.11 -26.66 -9.34
CA ARG B 102 -40.50 -26.91 -9.73
C ARG B 102 -41.42 -26.01 -8.91
N ALA B 103 -42.65 -25.81 -9.40
CA ALA B 103 -43.61 -24.95 -8.72
C ALA B 103 -45.01 -25.51 -8.91
N TRP B 104 -45.92 -25.16 -8.01
CA TRP B 104 -47.29 -25.64 -8.12
C TRP B 104 -48.31 -24.55 -7.79
N ASP B 105 -49.53 -24.72 -8.28
CA ASP B 105 -50.61 -23.76 -8.04
C ASP B 105 -51.48 -24.21 -6.87
N ALA B 106 -52.54 -23.47 -6.58
CA ALA B 106 -53.40 -23.78 -5.45
C ALA B 106 -54.22 -25.05 -5.68
N ALA B 107 -54.31 -25.50 -6.93
CA ALA B 107 -55.00 -26.74 -7.25
C ALA B 107 -54.10 -27.94 -7.03
N GLY B 108 -52.80 -27.69 -6.88
CA GLY B 108 -51.84 -28.76 -6.70
C GLY B 108 -51.24 -29.28 -8.00
N ASN B 109 -51.44 -28.55 -9.09
CA ASN B 109 -50.79 -28.90 -10.35
C ASN B 109 -49.31 -28.56 -10.27
N VAL B 110 -48.45 -29.58 -10.37
CA VAL B 110 -47.00 -29.38 -10.20
C VAL B 110 -46.26 -29.38 -11.54
N SER B 111 -45.36 -28.41 -11.74
CA SER B 111 -44.59 -28.36 -12.98
C SER B 111 -43.55 -29.49 -13.00
N SER B 112 -42.97 -29.75 -14.17
CA SER B 112 -41.83 -30.64 -14.24
C SER B 112 -40.63 -29.95 -13.60
N ASN B 113 -39.56 -30.70 -13.35
CA ASN B 113 -38.33 -30.07 -12.91
C ASN B 113 -37.69 -29.27 -14.05
N ILE B 114 -37.50 -27.97 -13.82
CA ILE B 114 -36.93 -27.07 -14.79
C ILE B 114 -35.48 -26.79 -14.41
N THR B 115 -34.56 -26.94 -15.36
CA THR B 115 -33.13 -26.80 -15.04
C THR B 115 -32.65 -25.36 -14.96
N PHE B 116 -31.82 -25.08 -13.95
CA PHE B 116 -31.05 -23.83 -13.93
C PHE B 116 -29.61 -24.15 -13.51
N VAL B 117 -28.67 -23.32 -13.96
CA VAL B 117 -27.26 -23.58 -13.74
C VAL B 117 -26.60 -22.37 -13.08
N ILE B 118 -25.94 -22.61 -11.96
CA ILE B 118 -25.15 -21.56 -11.32
C ILE B 118 -23.68 -21.78 -11.66
N LYS B 119 -23.14 -20.95 -12.53
CA LYS B 119 -21.73 -21.01 -12.86
C LYS B 119 -20.95 -20.26 -11.79
N TYR B 120 -19.78 -20.77 -11.42
CA TYR B 120 -18.93 -20.01 -10.51
C TYR B 120 -17.51 -19.91 -11.02
N ARG B 121 -16.86 -18.81 -10.68
CA ARG B 121 -15.56 -18.45 -11.24
C ARG B 121 -14.69 -17.79 -10.18
N ALA B 122 -13.38 -17.82 -10.42
CA ALA B 122 -12.42 -17.12 -9.58
C ALA B 122 -12.65 -15.61 -9.64
N GLN B 123 -12.28 -14.91 -8.57
CA GLN B 123 -12.51 -13.47 -8.54
C GLN B 123 -11.78 -12.73 -9.67
N THR B 124 -10.64 -13.23 -10.13
CA THR B 124 -9.97 -12.51 -11.23
C THR B 124 -10.75 -12.62 -12.53
N ASP B 125 -11.67 -13.58 -12.63
CA ASP B 125 -12.51 -13.63 -13.82
C ASP B 125 -13.48 -12.45 -13.86
N LYS B 126 -13.80 -11.92 -12.69
CA LYS B 126 -14.60 -10.72 -12.61
C LYS B 126 -13.74 -9.48 -12.84
N TYR B 127 -12.71 -9.33 -12.02
CA TYR B 127 -11.95 -8.10 -12.00
C TYR B 127 -10.94 -7.95 -13.14
N ASN B 128 -10.93 -6.73 -13.67
CA ASN B 128 -10.03 -6.34 -14.75
C ASN B 128 -9.45 -4.97 -14.42
N PRO B 129 -8.21 -4.93 -13.91
CA PRO B 129 -7.66 -3.67 -13.38
C PRO B 129 -7.51 -2.55 -14.42
N ALA B 130 -7.92 -1.35 -14.03
CA ALA B 130 -7.74 -0.16 -14.88
C ALA B 130 -6.31 0.37 -14.81
N ASP B 131 -5.88 1.07 -15.86
CA ASP B 131 -4.53 1.63 -15.94
C ASP B 131 -4.28 2.61 -14.80
N PRO B 132 -3.12 2.48 -14.13
CA PRO B 132 -2.78 3.49 -13.13
C PRO B 132 -2.12 4.69 -13.81
N THR B 133 -2.11 5.85 -13.16
CA THR B 133 -1.27 6.93 -13.67
C THR B 133 0.16 6.42 -13.63
N ILE B 134 0.98 6.81 -14.60
CA ILE B 134 2.34 6.28 -14.70
C ILE B 134 3.24 6.82 -13.58
N THR B 135 4.04 5.94 -13.00
CA THR B 135 5.03 6.34 -12.00
C THR B 135 6.41 6.40 -12.65
N TYR B 136 7.08 7.54 -12.53
CA TYR B 136 8.42 7.67 -13.08
C TYR B 136 9.46 7.20 -12.08
N VAL B 137 10.36 6.34 -12.55
CA VAL B 137 11.34 5.70 -11.68
C VAL B 137 12.77 5.97 -12.14
N ASP B 138 13.73 5.86 -11.23
CA ASP B 138 15.12 6.13 -11.54
C ASP B 138 15.77 4.99 -12.32
N ARG B 139 15.52 3.76 -11.88
CA ARG B 139 16.03 2.58 -12.57
C ARG B 139 14.90 1.59 -12.84
N LEU B 140 14.63 1.33 -14.11
CA LEU B 140 13.53 0.46 -14.51
C LEU B 140 13.66 -0.96 -13.99
N SER B 141 14.87 -1.38 -13.68
CA SER B 141 15.11 -2.76 -13.28
C SER B 141 15.27 -2.89 -11.77
N SER B 142 15.23 -1.78 -11.07
CA SER B 142 15.40 -1.80 -9.62
C SER B 142 14.68 -0.62 -8.97
N LEU B 143 13.37 -0.77 -8.78
CA LEU B 143 12.57 0.27 -8.13
C LEU B 143 13.01 0.46 -6.69
N SER B 144 12.89 1.70 -6.22
CA SER B 144 13.15 2.02 -4.83
C SER B 144 11.91 1.74 -4.00
N PRO B 145 12.04 1.64 -2.66
CA PRO B 145 10.86 1.48 -1.82
C PRO B 145 9.82 2.59 -2.05
N SER B 146 10.27 3.82 -2.23
CA SER B 146 9.36 4.95 -2.44
C SER B 146 8.58 4.79 -3.75
N GLU B 147 9.26 4.32 -4.78
CA GLU B 147 8.64 4.15 -6.08
C GLU B 147 7.63 3.01 -6.07
N LYS B 148 7.94 1.95 -5.33
CA LYS B 148 7.00 0.85 -5.18
C LYS B 148 5.73 1.33 -4.47
N ASN B 149 5.90 2.09 -3.40
CA ASN B 149 4.78 2.72 -2.71
C ASN B 149 3.91 3.53 -3.66
N ALA B 150 4.56 4.32 -4.52
CA ALA B 150 3.84 5.18 -5.45
C ALA B 150 3.06 4.35 -6.47
N VAL B 151 3.70 3.32 -7.00
CA VAL B 151 3.04 2.39 -7.90
C VAL B 151 1.79 1.79 -7.26
N GLU B 152 1.93 1.25 -6.05
CA GLU B 152 0.78 0.63 -5.36
C GLU B 152 -0.32 1.66 -5.19
N ALA B 153 0.04 2.85 -4.72
CA ALA B 153 -0.93 3.92 -4.52
C ALA B 153 -1.71 4.24 -5.79
N ALA B 154 -1.02 4.26 -6.92
CA ALA B 154 -1.63 4.62 -8.19
C ALA B 154 -2.59 3.53 -8.67
N VAL B 155 -2.15 2.28 -8.56
CA VAL B 155 -2.99 1.14 -8.91
C VAL B 155 -4.27 1.16 -8.06
N ARG B 156 -4.10 1.36 -6.75
CA ARG B 156 -5.25 1.43 -5.85
C ARG B 156 -6.20 2.59 -6.21
N ALA B 157 -5.64 3.76 -6.47
CA ALA B 157 -6.45 4.95 -6.76
C ALA B 157 -7.28 4.77 -8.03
N ALA B 158 -6.70 4.10 -9.03
CA ALA B 158 -7.37 3.84 -10.30
C ALA B 158 -8.42 2.74 -10.20
N ASN B 159 -8.38 1.96 -9.11
CA ASN B 159 -9.26 0.80 -9.01
C ASN B 159 -10.05 0.69 -7.71
N PRO B 160 -10.96 1.64 -7.46
CA PRO B 160 -11.78 1.57 -6.24
C PRO B 160 -12.77 0.42 -6.28
N GLN B 161 -12.95 -0.19 -7.45
CA GLN B 161 -13.94 -1.26 -7.61
C GLN B 161 -13.36 -2.61 -7.21
N ILE B 162 -12.03 -2.71 -7.23
CA ILE B 162 -11.35 -3.91 -6.77
C ILE B 162 -11.49 -3.98 -5.25
N PRO B 163 -11.68 -5.19 -4.69
CA PRO B 163 -11.88 -5.30 -3.24
C PRO B 163 -10.77 -4.60 -2.46
N ALA B 164 -11.14 -3.88 -1.42
CA ALA B 164 -10.15 -3.26 -0.54
C ALA B 164 -9.26 -4.35 0.05
N ALA B 165 -9.83 -5.54 0.23
CA ALA B 165 -9.12 -6.67 0.83
C ALA B 165 -8.11 -7.34 -0.11
N ALA B 166 -8.17 -6.99 -1.39
CA ALA B 166 -7.17 -7.48 -2.34
C ALA B 166 -5.82 -6.87 -2.00
N ARG B 167 -4.74 -7.61 -2.21
CA ARG B 167 -3.41 -7.09 -1.92
C ARG B 167 -2.62 -6.82 -3.19
N ILE B 168 -2.11 -5.60 -3.29
CA ILE B 168 -1.34 -5.20 -4.45
C ILE B 168 0.15 -5.21 -4.10
N THR B 169 0.92 -6.03 -4.81
CA THR B 169 2.35 -6.07 -4.60
C THR B 169 3.09 -5.60 -5.86
N VAL B 170 4.33 -5.16 -5.69
CA VAL B 170 5.14 -4.61 -6.76
C VAL B 170 6.54 -5.22 -6.73
N SER B 171 6.99 -5.76 -7.85
CA SER B 171 8.31 -6.38 -7.93
C SER B 171 9.40 -5.36 -8.22
N ALA B 172 10.64 -5.83 -8.31
CA ALA B 172 11.79 -4.97 -8.56
C ALA B 172 11.67 -4.17 -9.86
N ASN B 173 11.00 -4.73 -10.86
CA ASN B 173 10.89 -4.04 -12.15
C ASN B 173 9.53 -3.37 -12.37
N GLY B 174 8.74 -3.25 -11.32
CA GLY B 174 7.49 -2.54 -11.41
C GLY B 174 6.32 -3.36 -11.94
N THR B 175 6.53 -4.66 -12.12
CA THR B 175 5.43 -5.57 -12.43
C THR B 175 4.49 -5.62 -11.23
N VAL B 176 3.20 -5.43 -11.47
CA VAL B 176 2.24 -5.41 -10.38
C VAL B 176 1.47 -6.74 -10.31
N THR B 177 1.37 -7.29 -9.10
CA THR B 177 0.54 -8.45 -8.84
C THR B 177 -0.61 -8.06 -7.94
N ILE B 178 -1.82 -8.38 -8.37
CA ILE B 178 -2.99 -8.16 -7.55
C ILE B 178 -3.51 -9.52 -7.09
N THR B 179 -3.54 -9.74 -5.78
CA THR B 179 -4.02 -11.00 -5.25
C THR B 179 -5.37 -10.78 -4.58
N TYR B 180 -6.41 -11.38 -5.16
CA TYR B 180 -7.77 -11.21 -4.68
C TYR B 180 -8.01 -12.09 -3.45
N PRO B 181 -9.06 -11.78 -2.67
CA PRO B 181 -9.32 -12.55 -1.45
C PRO B 181 -9.37 -14.07 -1.66
N ASP B 182 -9.82 -14.56 -2.82
CA ASP B 182 -9.87 -16.00 -3.07
C ASP B 182 -8.54 -16.54 -3.59
N SER B 183 -7.51 -15.70 -3.55
CA SER B 183 -6.13 -16.03 -3.92
C SER B 183 -5.89 -16.19 -5.42
N SER B 184 -6.88 -15.90 -6.25
CA SER B 184 -6.64 -15.77 -7.69
C SER B 184 -5.92 -14.43 -7.92
N THR B 185 -5.34 -14.25 -9.10
CA THR B 185 -4.52 -13.05 -9.33
C THR B 185 -4.74 -12.37 -10.68
N ASP B 186 -4.36 -11.10 -10.73
CA ASP B 186 -4.17 -10.38 -11.99
C ASP B 186 -2.74 -9.83 -12.03
N THR B 187 -2.25 -9.59 -13.24
CA THR B 187 -0.92 -9.04 -13.41
C THR B 187 -1.00 -7.79 -14.28
N ILE B 188 -0.30 -6.74 -13.88
CA ILE B 188 -0.17 -5.56 -14.72
C ILE B 188 1.30 -5.43 -15.12
N THR B 189 1.57 -5.56 -16.41
CA THR B 189 2.95 -5.54 -16.90
C THR B 189 3.58 -4.17 -16.65
N ALA B 190 4.90 -4.19 -16.42
CA ALA B 190 5.65 -3.01 -16.01
C ALA B 190 5.44 -1.81 -16.93
N ASN B 191 5.24 -2.11 -18.21
CA ASN B 191 5.15 -1.09 -19.24
C ASN B 191 3.89 -0.23 -19.11
N ARG B 192 2.91 -0.72 -18.37
CA ARG B 192 1.68 0.04 -18.15
C ARG B 192 1.75 0.77 -16.81
N VAL B 193 2.85 0.59 -16.11
CA VAL B 193 2.96 1.05 -14.73
C VAL B 193 4.09 2.04 -14.51
N VAL B 194 5.28 1.76 -15.02
CA VAL B 194 6.43 2.64 -14.80
C VAL B 194 7.09 3.13 -16.09
N LYS B 195 7.76 4.29 -15.98
CA LYS B 195 8.62 4.81 -17.03
C LYS B 195 9.88 5.42 -16.42
N ASP B 196 10.95 5.45 -17.20
CA ASP B 196 12.22 6.04 -16.76
C ASP B 196 12.12 7.55 -16.70
#